data_1NA0
#
_entry.id   1NA0
#
_cell.length_a   102.734
_cell.length_b   46.560
_cell.length_c   52.517
_cell.angle_alpha   90.00
_cell.angle_beta   99.11
_cell.angle_gamma   90.00
#
_symmetry.space_group_name_H-M   'C 1 2 1'
#
loop_
_entity.id
_entity.type
_entity.pdbx_description
1 polymer 'designed protein CTPR3'
2 non-polymer 'LEAD (II) ION'
3 non-polymer 'ACETATE ION'
4 non-polymer 'CHLORIDE ION'
5 non-polymer 'SODIUM ION'
6 non-polymer 'MAGNESIUM ION'
7 non-polymer '1-methylethyl 1-thio-beta-D-galactopyranoside'
8 water water
#
_entity_poly.entity_id   1
_entity_poly.type   'polypeptide(L)'
_entity_poly.pdbx_seq_one_letter_code
;GAMDPGNSAEAWYNLGNAYYKQGDYDEAIEYYQKALELDPNNAEAWYNLGNAYYKQGDYDEAIEYYQKALELDPNNAEAW
YNLGNAYYKQGDYDEAIEYYQKALELDPNNAEAKQNLGNAKQKQG
;
_entity_poly.pdbx_strand_id   A,B
#
# COMPACT_ATOMS: atom_id res chain seq x y z
N ASN A 7 12.28 13.26 -4.04
CA ASN A 7 13.73 13.67 -3.91
C ASN A 7 14.61 12.62 -4.63
N SER A 8 15.35 11.77 -3.97
CA SER A 8 15.95 10.66 -4.71
C SER A 8 14.78 9.81 -5.29
N ALA A 9 13.60 9.74 -4.64
CA ALA A 9 12.50 8.90 -5.18
C ALA A 9 12.11 9.44 -6.55
N GLU A 10 11.94 10.76 -6.64
CA GLU A 10 11.66 11.38 -7.95
C GLU A 10 12.76 11.14 -8.97
N ALA A 11 14.02 11.23 -8.52
CA ALA A 11 15.14 10.96 -9.45
C ALA A 11 15.08 9.58 -10.03
N TRP A 12 14.83 8.59 -9.20
CA TRP A 12 14.73 7.22 -9.66
C TRP A 12 13.55 7.04 -10.60
N TYR A 13 12.39 7.60 -10.25
CA TYR A 13 11.20 7.53 -11.08
C TYR A 13 11.47 8.14 -12.44
N ASN A 14 12.14 9.29 -12.44
CA ASN A 14 12.47 10.00 -13.70
C ASN A 14 13.36 9.12 -14.59
N LEU A 15 14.33 8.43 -13.96
CA LEU A 15 15.22 7.56 -14.70
C LEU A 15 14.46 6.31 -15.22
N GLY A 16 13.56 5.73 -14.43
CA GLY A 16 12.70 4.65 -14.88
C GLY A 16 11.95 5.06 -16.14
N ASN A 17 11.34 6.22 -16.09
CA ASN A 17 10.57 6.72 -17.24
C ASN A 17 11.43 6.83 -18.49
N ALA A 18 12.65 7.37 -18.37
CA ALA A 18 13.54 7.57 -19.50
C ALA A 18 13.87 6.22 -20.12
N TYR A 19 14.16 5.26 -19.27
CA TYR A 19 14.52 3.94 -19.76
C TYR A 19 13.29 3.20 -20.33
N TYR A 20 12.13 3.40 -19.71
CA TYR A 20 10.85 2.82 -20.16
C TYR A 20 10.53 3.27 -21.58
N LYS A 21 10.64 4.57 -21.80
CA LYS A 21 10.32 5.14 -23.12
C LYS A 21 11.24 4.61 -24.23
N GLN A 22 12.48 4.24 -23.89
CA GLN A 22 13.46 3.69 -24.86
C GLN A 22 13.33 2.15 -25.00
N GLY A 23 12.38 1.56 -24.27
CA GLY A 23 12.16 0.14 -24.31
C GLY A 23 13.16 -0.70 -23.55
N ASP A 24 13.93 -0.09 -22.65
CA ASP A 24 14.80 -0.83 -21.75
C ASP A 24 14.04 -1.19 -20.50
N TYR A 25 13.20 -2.19 -20.62
CA TYR A 25 12.32 -2.56 -19.51
C TYR A 25 13.07 -3.10 -18.29
N ASP A 26 14.11 -3.93 -18.48
CA ASP A 26 14.84 -4.49 -17.34
C ASP A 26 15.39 -3.38 -16.43
N GLU A 27 15.95 -2.35 -17.06
CA GLU A 27 16.48 -1.19 -16.32
C GLU A 27 15.34 -0.38 -15.74
N ALA A 28 14.32 -0.06 -16.54
CA ALA A 28 13.18 0.71 -16.04
C ALA A 28 12.57 0.03 -14.78
N ILE A 29 12.46 -1.28 -14.77
CA ILE A 29 11.90 -2.04 -13.66
C ILE A 29 12.76 -1.85 -12.39
N GLU A 30 14.07 -2.00 -12.54
CA GLU A 30 15.02 -1.72 -11.45
C GLU A 30 14.82 -0.31 -10.86
N TYR A 31 14.70 0.72 -11.72
CA TYR A 31 14.64 2.11 -11.30
C TYR A 31 13.31 2.43 -10.70
N TYR A 32 12.22 1.91 -11.27
CA TYR A 32 10.93 2.12 -10.62
C TYR A 32 10.89 1.49 -9.21
N GLN A 33 11.48 0.30 -9.05
CA GLN A 33 11.49 -0.38 -7.77
C GLN A 33 12.27 0.46 -6.76
N LYS A 34 13.38 1.08 -7.18
CA LYS A 34 14.13 2.01 -6.30
C LYS A 34 13.28 3.16 -5.84
N ALA A 35 12.52 3.77 -6.77
CA ALA A 35 11.66 4.92 -6.53
C ALA A 35 10.63 4.53 -5.51
N LEU A 36 9.99 3.37 -5.72
CA LEU A 36 8.91 2.94 -4.84
C LEU A 36 9.35 2.48 -3.44
N GLU A 37 10.60 1.99 -3.30
CA GLU A 37 11.20 1.76 -1.98
C GLU A 37 11.22 3.05 -1.16
N LEU A 38 11.40 4.18 -1.85
CA LEU A 38 11.57 5.49 -1.25
C LEU A 38 10.22 6.24 -1.13
N ASP A 39 9.33 6.04 -2.07
CA ASP A 39 8.01 6.69 -2.06
C ASP A 39 6.98 5.70 -2.58
N PRO A 40 6.39 4.88 -1.72
CA PRO A 40 5.43 3.88 -2.22
C PRO A 40 4.07 4.46 -2.56
N ASN A 41 3.90 5.77 -2.40
CA ASN A 41 2.64 6.40 -2.76
C ASN A 41 2.58 6.97 -4.18
N ASN A 42 3.64 6.74 -4.97
CA ASN A 42 3.65 7.25 -6.35
C ASN A 42 2.85 6.29 -7.27
N ALA A 43 1.58 6.63 -7.51
CA ALA A 43 0.73 5.75 -8.31
C ALA A 43 1.29 5.52 -9.72
N GLU A 44 1.92 6.56 -10.29
CA GLU A 44 2.40 6.49 -11.67
C GLU A 44 3.59 5.56 -11.78
N ALA A 45 4.39 5.49 -10.69
CA ALA A 45 5.48 4.53 -10.63
C ALA A 45 4.97 3.11 -10.60
N TRP A 46 3.93 2.85 -9.80
CA TRP A 46 3.34 1.51 -9.80
C TRP A 46 2.79 1.15 -11.17
N TYR A 47 2.11 2.11 -11.80
CA TYR A 47 1.46 1.89 -13.08
C TYR A 47 2.53 1.56 -14.15
N ASN A 48 3.60 2.35 -14.20
CA ASN A 48 4.60 2.20 -15.22
C ASN A 48 5.44 0.93 -14.96
N LEU A 49 5.63 0.56 -13.71
CA LEU A 49 6.26 -0.69 -13.39
C LEU A 49 5.42 -1.82 -13.94
N GLY A 50 4.13 -1.78 -13.71
CA GLY A 50 3.19 -2.71 -14.33
C GLY A 50 3.30 -2.80 -15.83
N ASN A 51 3.36 -1.64 -16.47
CA ASN A 51 3.48 -1.58 -17.95
C ASN A 51 4.77 -2.26 -18.40
N ALA A 52 5.86 -2.01 -17.68
CA ALA A 52 7.17 -2.51 -18.07
C ALA A 52 7.16 -4.01 -17.96
N TYR A 53 6.60 -4.53 -16.86
CA TYR A 53 6.41 -5.98 -16.80
C TYR A 53 5.48 -6.51 -17.88
N TYR A 54 4.40 -5.81 -18.16
CA TYR A 54 3.47 -6.24 -19.23
C TYR A 54 4.23 -6.35 -20.57
N LYS A 55 5.02 -5.37 -20.94
CA LYS A 55 5.81 -5.39 -22.18
C LYS A 55 6.87 -6.49 -22.22
N GLN A 56 7.26 -7.00 -21.05
CA GLN A 56 8.12 -8.17 -20.93
C GLN A 56 7.36 -9.45 -21.02
N GLY A 57 6.04 -9.43 -21.19
CA GLY A 57 5.25 -10.66 -21.15
C GLY A 57 5.06 -11.27 -19.79
N ASP A 58 5.33 -10.51 -18.74
CA ASP A 58 5.20 -10.99 -17.36
C ASP A 58 3.88 -10.48 -16.77
N TYR A 59 2.80 -11.14 -17.15
CA TYR A 59 1.46 -10.68 -16.83
C TYR A 59 1.11 -10.82 -15.37
N ASP A 60 1.59 -11.85 -14.68
CA ASP A 60 1.21 -11.92 -13.25
C ASP A 60 1.84 -10.71 -12.52
N GLU A 61 3.08 -10.33 -12.84
CA GLU A 61 3.67 -9.16 -12.15
C GLU A 61 2.91 -7.94 -12.53
N ALA A 62 2.59 -7.80 -13.83
CA ALA A 62 1.86 -6.66 -14.29
C ALA A 62 0.57 -6.47 -13.46
N ILE A 63 -0.18 -7.53 -13.31
CA ILE A 63 -1.41 -7.49 -12.53
C ILE A 63 -1.18 -6.97 -11.09
N GLU A 64 -0.14 -7.46 -10.45
CA GLU A 64 0.14 -7.08 -9.08
C GLU A 64 0.34 -5.56 -9.01
N TYR A 65 1.13 -5.01 -9.94
CA TYR A 65 1.53 -3.62 -9.84
C TYR A 65 0.39 -2.74 -10.37
N TYR A 66 -0.35 -3.22 -11.37
CA TYR A 66 -1.54 -2.47 -11.75
C TYR A 66 -2.54 -2.37 -10.63
N GLN A 67 -2.77 -3.46 -9.93
CA GLN A 67 -3.67 -3.41 -8.77
C GLN A 67 -3.24 -2.35 -7.73
N LYS A 68 -1.94 -2.25 -7.46
CA LYS A 68 -1.44 -1.31 -6.50
C LYS A 68 -1.69 0.14 -7.02
N ALA A 69 -1.42 0.37 -8.29
CA ALA A 69 -1.65 1.71 -8.88
C ALA A 69 -3.09 2.12 -8.76
N LEU A 70 -4.00 1.15 -8.96
CA LEU A 70 -5.41 1.45 -8.98
C LEU A 70 -5.96 1.69 -7.58
N GLU A 71 -5.32 1.08 -6.59
CA GLU A 71 -5.69 1.35 -5.20
C GLU A 71 -5.39 2.80 -4.88
N LEU A 72 -4.30 3.36 -5.43
CA LEU A 72 -3.91 4.74 -5.15
C LEU A 72 -4.65 5.74 -6.03
N ASP A 73 -4.96 5.31 -7.26
CA ASP A 73 -5.59 6.14 -8.26
C ASP A 73 -6.63 5.34 -9.04
N PRO A 74 -7.81 5.13 -8.48
CA PRO A 74 -8.81 4.33 -9.19
C PRO A 74 -9.46 5.09 -10.37
N ASN A 75 -9.01 6.30 -10.67
CA ASN A 75 -9.50 7.05 -11.84
C ASN A 75 -8.67 6.81 -13.10
N ASN A 76 -7.66 5.93 -13.02
CA ASN A 76 -6.76 5.74 -14.13
C ASN A 76 -7.42 4.74 -15.10
N ALA A 77 -8.13 5.28 -16.07
CA ALA A 77 -8.85 4.48 -17.04
C ALA A 77 -7.95 3.56 -17.78
N GLU A 78 -6.77 4.05 -18.20
CA GLU A 78 -5.82 3.20 -18.92
C GLU A 78 -5.33 2.05 -18.10
N ALA A 79 -5.09 2.26 -16.81
CA ALA A 79 -4.74 1.18 -15.90
C ALA A 79 -5.79 0.10 -15.79
N TRP A 80 -7.07 0.47 -15.70
CA TRP A 80 -8.12 -0.55 -15.71
C TRP A 80 -8.11 -1.38 -17.01
N TYR A 81 -7.90 -0.72 -18.12
CA TYR A 81 -7.86 -1.35 -19.42
C TYR A 81 -6.66 -2.32 -19.48
N ASN A 82 -5.47 -1.86 -19.08
CA ASN A 82 -4.31 -2.71 -19.12
C ASN A 82 -4.39 -3.88 -18.14
N LEU A 83 -5.03 -3.69 -16.98
CA LEU A 83 -5.29 -4.81 -16.05
C LEU A 83 -6.20 -5.87 -16.76
N GLY A 84 -7.24 -5.39 -17.41
CA GLY A 84 -8.09 -6.26 -18.21
C GLY A 84 -7.31 -7.05 -19.25
N ASN A 85 -6.35 -6.40 -19.91
CA ASN A 85 -5.50 -7.06 -20.91
C ASN A 85 -4.66 -8.10 -20.25
N ALA A 86 -4.08 -7.75 -19.12
CA ALA A 86 -3.28 -8.72 -18.42
C ALA A 86 -4.07 -9.98 -18.03
N TYR A 87 -5.29 -9.83 -17.53
CA TYR A 87 -6.10 -11.01 -17.22
C TYR A 87 -6.47 -11.75 -18.50
N TYR A 88 -6.79 -11.01 -19.55
CA TYR A 88 -7.11 -11.65 -20.83
C TYR A 88 -5.96 -12.54 -21.27
N LYS A 89 -4.71 -12.07 -21.11
CA LYS A 89 -3.54 -12.87 -21.52
C LYS A 89 -3.40 -14.17 -20.74
N GLN A 90 -3.88 -14.16 -19.49
CA GLN A 90 -3.87 -15.36 -18.65
C GLN A 90 -5.08 -16.27 -18.90
N GLY A 91 -5.99 -15.91 -19.77
CA GLY A 91 -7.18 -16.72 -19.96
C GLY A 91 -8.26 -16.47 -18.91
N ASP A 92 -8.16 -15.39 -18.15
CA ASP A 92 -9.14 -15.03 -17.13
C ASP A 92 -10.13 -14.06 -17.70
N TYR A 93 -11.02 -14.56 -18.53
CA TYR A 93 -11.90 -13.69 -19.30
C TYR A 93 -12.95 -13.02 -18.46
N ASP A 94 -13.41 -13.63 -17.36
CA ASP A 94 -14.38 -12.99 -16.45
C ASP A 94 -13.81 -11.73 -15.84
N GLU A 95 -12.58 -11.82 -15.35
CA GLU A 95 -11.84 -10.70 -14.79
C GLU A 95 -11.60 -9.64 -15.85
N ALA A 96 -11.12 -10.05 -17.03
CA ALA A 96 -10.88 -9.13 -18.16
C ALA A 96 -12.15 -8.33 -18.44
N ILE A 97 -13.28 -9.03 -18.57
CA ILE A 97 -14.56 -8.38 -18.83
C ILE A 97 -14.88 -7.33 -17.76
N GLU A 98 -14.71 -7.66 -16.49
CA GLU A 98 -15.01 -6.73 -15.43
C GLU A 98 -14.18 -5.47 -15.53
N TYR A 99 -12.89 -5.64 -15.80
CA TYR A 99 -11.97 -4.52 -15.79
C TYR A 99 -12.14 -3.71 -17.06
N TYR A 100 -12.50 -4.36 -18.16
CA TYR A 100 -12.80 -3.60 -19.37
C TYR A 100 -14.02 -2.74 -19.17
N GLN A 101 -15.04 -3.29 -18.50
CA GLN A 101 -16.26 -2.55 -18.24
C GLN A 101 -15.95 -1.33 -17.39
N LYS A 102 -15.09 -1.49 -16.39
CA LYS A 102 -14.67 -0.38 -15.57
C LYS A 102 -13.90 0.68 -16.38
N ALA A 103 -13.00 0.25 -17.24
CA ALA A 103 -12.29 1.18 -18.12
C ALA A 103 -13.22 2.05 -18.95
N LEU A 104 -14.27 1.44 -19.49
CA LEU A 104 -15.18 2.09 -20.43
C LEU A 104 -16.13 3.03 -19.71
N GLU A 105 -16.39 2.76 -18.43
CA GLU A 105 -17.13 3.67 -17.61
C GLU A 105 -16.38 5.00 -17.53
N LEU A 106 -15.07 4.97 -17.31
CA LEU A 106 -14.26 6.19 -17.18
C LEU A 106 -13.88 6.83 -18.53
N ASP A 107 -13.65 5.96 -19.52
CA ASP A 107 -13.30 6.33 -20.88
C ASP A 107 -14.15 5.54 -21.89
N PRO A 108 -15.35 6.01 -22.15
CA PRO A 108 -16.23 5.30 -23.08
C PRO A 108 -15.69 5.23 -24.49
N ASN A 109 -14.65 6.02 -24.81
CA ASN A 109 -14.13 6.06 -26.18
C ASN A 109 -12.92 5.14 -26.45
N ASN A 110 -12.63 4.26 -25.53
CA ASN A 110 -11.51 3.35 -25.69
C ASN A 110 -11.97 2.21 -26.58
N ALA A 111 -11.71 2.36 -27.89
CA ALA A 111 -12.14 1.38 -28.89
C ALA A 111 -11.55 0.03 -28.62
N GLU A 112 -10.27 -0.03 -28.27
CA GLU A 112 -9.65 -1.32 -28.01
C GLU A 112 -10.25 -2.02 -26.82
N ALA A 113 -10.66 -1.27 -25.79
CA ALA A 113 -11.33 -1.89 -24.63
C ALA A 113 -12.64 -2.54 -25.08
N LYS A 114 -13.36 -1.87 -25.95
CA LYS A 114 -14.64 -2.39 -26.44
C LYS A 114 -14.44 -3.64 -27.21
N GLN A 115 -13.42 -3.62 -28.06
CA GLN A 115 -13.07 -4.77 -28.88
C GLN A 115 -12.63 -5.98 -28.05
N ASN A 116 -11.73 -5.80 -27.08
CA ASN A 116 -11.24 -6.89 -26.28
C ASN A 116 -12.34 -7.46 -25.41
N LEU A 117 -13.23 -6.56 -24.93
CA LEU A 117 -14.40 -6.91 -24.12
C LEU A 117 -15.30 -7.83 -24.96
N GLY A 118 -15.54 -7.45 -26.21
CA GLY A 118 -16.35 -8.25 -27.09
C GLY A 118 -15.72 -9.59 -27.31
N ASN A 119 -14.41 -9.58 -27.57
CA ASN A 119 -13.72 -10.83 -27.85
C ASN A 119 -13.72 -11.73 -26.63
N ALA A 120 -13.47 -11.13 -25.46
CA ALA A 120 -13.48 -11.89 -24.21
C ALA A 120 -14.85 -12.55 -23.99
N LYS A 121 -15.93 -11.83 -24.21
CA LYS A 121 -17.29 -12.39 -24.10
C LYS A 121 -17.49 -13.60 -25.03
N GLN A 122 -16.91 -13.56 -26.23
CA GLN A 122 -16.94 -14.72 -27.14
C GLN A 122 -16.18 -15.90 -26.56
N LYS A 123 -14.99 -15.63 -26.03
CA LYS A 123 -14.09 -16.66 -25.54
C LYS A 123 -14.77 -17.46 -24.45
N GLN A 124 -15.46 -16.81 -23.51
CA GLN A 124 -16.24 -17.57 -22.51
C GLN A 124 -17.54 -18.16 -23.09
N GLY A 125 -18.42 -17.31 -23.62
CA GLY A 125 -19.66 -17.77 -24.24
C GLY A 125 -20.74 -18.08 -23.23
N ASN B 7 -20.70 3.00 0.22
CA ASN B 7 -19.49 3.63 0.85
C ASN B 7 -19.08 2.93 2.17
N SER B 8 -19.15 1.61 2.19
CA SER B 8 -19.08 0.90 3.46
C SER B 8 -17.69 0.92 4.16
N ALA B 9 -16.60 1.30 3.49
CA ALA B 9 -15.27 1.26 4.14
C ALA B 9 -15.25 2.15 5.37
N GLU B 10 -15.77 3.37 5.22
CA GLU B 10 -15.77 4.31 6.32
C GLU B 10 -16.66 3.81 7.44
N ALA B 11 -17.79 3.24 7.07
CA ALA B 11 -18.69 2.69 8.08
C ALA B 11 -18.04 1.55 8.89
N TRP B 12 -17.22 0.73 8.24
CA TRP B 12 -16.52 -0.32 8.96
C TRP B 12 -15.47 0.31 9.86
N TYR B 13 -14.75 1.27 9.34
CA TYR B 13 -13.73 1.97 10.13
C TYR B 13 -14.35 2.58 11.38
N ASN B 14 -15.48 3.29 11.21
CA ASN B 14 -16.17 3.91 12.38
C ASN B 14 -16.58 2.86 13.40
N LEU B 15 -17.07 1.74 12.91
CA LEU B 15 -17.44 0.62 13.79
C LEU B 15 -16.26 0.04 14.55
N GLY B 16 -15.14 -0.18 13.87
CA GLY B 16 -13.90 -0.53 14.50
C GLY B 16 -13.48 0.40 15.60
N ASN B 17 -13.54 1.70 15.33
CA ASN B 17 -13.14 2.66 16.33
C ASN B 17 -14.03 2.54 17.60
N ALA B 18 -15.35 2.41 17.39
CA ALA B 18 -16.30 2.31 18.51
C ALA B 18 -15.89 1.15 19.43
N TYR B 19 -15.60 0.00 18.82
CA TYR B 19 -15.25 -1.21 19.55
C TYR B 19 -13.86 -1.11 20.18
N TYR B 20 -12.91 -0.50 19.45
CA TYR B 20 -11.54 -0.26 19.97
C TYR B 20 -11.62 0.57 21.24
N LYS B 21 -12.41 1.65 21.21
CA LYS B 21 -12.52 2.55 22.37
C LYS B 21 -13.07 1.88 23.62
N GLN B 22 -13.88 0.83 23.43
CA GLN B 22 -14.46 0.01 24.52
C GLN B 22 -13.59 -1.19 24.92
N GLY B 23 -12.41 -1.30 24.33
CA GLY B 23 -11.48 -2.37 24.58
C GLY B 23 -11.85 -3.71 24.03
N ASP B 24 -12.74 -3.74 23.04
CA ASP B 24 -13.10 -4.94 22.32
C ASP B 24 -12.22 -5.12 21.13
N TYR B 25 -10.98 -5.49 21.40
CA TYR B 25 -9.94 -5.57 20.36
C TYR B 25 -10.24 -6.61 19.28
N ASP B 26 -10.70 -7.79 19.64
CA ASP B 26 -11.03 -8.82 18.65
C ASP B 26 -12.02 -8.34 17.61
N GLU B 27 -13.07 -7.67 18.08
CA GLU B 27 -14.09 -7.09 17.16
C GLU B 27 -13.50 -5.94 16.32
N ALA B 28 -12.83 -4.99 17.00
CA ALA B 28 -12.16 -3.88 16.33
C ALA B 28 -11.27 -4.37 15.19
N ILE B 29 -10.50 -5.42 15.43
CA ILE B 29 -9.56 -5.95 14.43
C ILE B 29 -10.37 -6.44 13.24
N GLU B 30 -11.44 -7.18 13.49
CA GLU B 30 -12.28 -7.69 12.40
C GLU B 30 -12.85 -6.55 11.54
N TYR B 31 -13.29 -5.49 12.19
CA TYR B 31 -13.92 -4.37 11.50
C TYR B 31 -12.91 -3.51 10.78
N TYR B 32 -11.74 -3.29 11.38
CA TYR B 32 -10.68 -2.57 10.66
C TYR B 32 -10.32 -3.37 9.40
N GLN B 33 -10.24 -4.70 9.52
CA GLN B 33 -9.85 -5.52 8.39
C GLN B 33 -10.90 -5.41 7.26
N LYS B 34 -12.20 -5.39 7.60
CA LYS B 34 -13.24 -5.21 6.60
C LYS B 34 -13.10 -3.84 5.94
N ALA B 35 -12.79 -2.82 6.73
CA ALA B 35 -12.58 -1.45 6.22
C ALA B 35 -11.43 -1.42 5.20
N LEU B 36 -10.32 -2.04 5.57
CA LEU B 36 -9.11 -2.00 4.74
C LEU B 36 -9.22 -2.85 3.47
N GLU B 37 -10.10 -3.86 3.50
CA GLU B 37 -10.45 -4.58 2.27
C GLU B 37 -11.07 -3.66 1.24
N LEU B 38 -11.86 -2.73 1.72
CA LEU B 38 -12.62 -1.84 0.85
C LEU B 38 -11.84 -0.55 0.50
N ASP B 39 -10.97 -0.10 1.39
CA ASP B 39 -10.16 1.11 1.19
C ASP B 39 -8.80 0.92 1.86
N PRO B 40 -7.88 0.25 1.16
CA PRO B 40 -6.52 0.07 1.70
C PRO B 40 -5.71 1.35 1.89
N ASN B 41 -6.24 2.52 1.51
CA ASN B 41 -5.50 3.78 1.71
C ASN B 41 -5.75 4.48 3.06
N ASN B 42 -6.55 3.89 3.95
CA ASN B 42 -6.94 4.57 5.17
C ASN B 42 -5.82 4.29 6.15
N ALA B 43 -4.87 5.23 6.23
CA ALA B 43 -3.72 5.06 7.09
C ALA B 43 -4.12 4.95 8.57
N GLU B 44 -5.19 5.65 8.96
CA GLU B 44 -5.67 5.62 10.36
C GLU B 44 -6.27 4.24 10.75
N ALA B 45 -6.86 3.56 9.78
CA ALA B 45 -7.34 2.18 9.99
C ALA B 45 -6.17 1.25 10.18
N TRP B 46 -5.13 1.33 9.33
CA TRP B 46 -3.93 0.52 9.57
C TRP B 46 -3.35 0.78 10.95
N TYR B 47 -3.31 2.05 11.34
CA TYR B 47 -2.67 2.45 12.58
C TYR B 47 -3.47 1.89 13.77
N ASN B 48 -4.80 2.04 13.77
CA ASN B 48 -5.61 1.53 14.85
C ASN B 48 -5.72 0.01 14.84
N LEU B 49 -5.58 -0.60 13.67
CA LEU B 49 -5.46 -2.05 13.60
C LEU B 49 -4.18 -2.46 14.37
N GLY B 50 -3.06 -1.79 14.11
CA GLY B 50 -1.84 -2.00 14.86
C GLY B 50 -2.03 -1.77 16.35
N ASN B 51 -2.70 -0.67 16.71
CA ASN B 51 -2.99 -0.37 18.13
C ASN B 51 -3.75 -1.55 18.79
N ALA B 52 -4.78 -2.05 18.12
CA ALA B 52 -5.53 -3.14 18.65
C ALA B 52 -4.66 -4.37 18.86
N TYR B 53 -3.81 -4.72 17.91
CA TYR B 53 -2.97 -5.88 18.09
C TYR B 53 -2.00 -5.64 19.24
N TYR B 54 -1.51 -4.41 19.34
CA TYR B 54 -0.58 -4.05 20.43
C TYR B 54 -1.21 -4.26 21.80
N LYS B 55 -2.47 -3.84 21.97
CA LYS B 55 -3.20 -4.02 23.24
C LYS B 55 -3.46 -5.48 23.57
N GLN B 56 -3.46 -6.33 22.56
CA GLN B 56 -3.60 -7.78 22.75
C GLN B 56 -2.25 -8.39 23.04
N GLY B 57 -1.18 -7.63 22.97
CA GLY B 57 0.17 -8.13 23.18
C GLY B 57 0.78 -8.78 21.96
N ASP B 58 0.18 -8.55 20.79
CA ASP B 58 0.67 -9.16 19.55
C ASP B 58 1.54 -8.16 18.83
N TYR B 59 2.77 -8.03 19.34
CA TYR B 59 3.66 -7.00 18.85
C TYR B 59 4.13 -7.18 17.43
N ASP B 60 4.33 -8.43 16.99
CA ASP B 60 4.70 -8.71 15.59
C ASP B 60 3.68 -8.14 14.58
N GLU B 61 2.41 -8.38 14.85
CA GLU B 61 1.32 -7.84 14.04
C GLU B 61 1.23 -6.33 14.14
N ALA B 62 1.41 -5.79 15.34
CA ALA B 62 1.39 -4.33 15.49
C ALA B 62 2.44 -3.67 14.57
N ILE B 63 3.67 -4.23 14.57
CA ILE B 63 4.80 -3.76 13.76
C ILE B 63 4.43 -3.72 12.31
N GLU B 64 3.84 -4.80 11.82
CA GLU B 64 3.51 -4.91 10.40
C GLU B 64 2.53 -3.80 10.02
N TYR B 65 1.53 -3.61 10.85
CA TYR B 65 0.46 -2.70 10.51
C TYR B 65 0.85 -1.25 10.76
N TYR B 66 1.62 -0.98 11.82
CA TYR B 66 2.16 0.35 12.01
C TYR B 66 3.07 0.67 10.81
N GLN B 67 3.87 -0.29 10.33
CA GLN B 67 4.77 0.01 9.16
C GLN B 67 3.96 0.38 7.92
N LYS B 68 2.81 -0.27 7.77
CA LYS B 68 1.97 -0.02 6.62
C LYS B 68 1.34 1.38 6.75
N ALA B 69 0.93 1.72 7.96
CA ALA B 69 0.31 3.00 8.23
C ALA B 69 1.29 4.11 7.91
N LEU B 70 2.54 3.89 8.33
CA LEU B 70 3.57 4.90 8.16
C LEU B 70 4.04 5.02 6.69
N GLU B 71 3.88 3.97 5.88
CA GLU B 71 4.19 4.11 4.45
C GLU B 71 3.22 5.11 3.85
N LEU B 72 1.95 4.98 4.25
CA LEU B 72 0.87 5.85 3.75
C LEU B 72 0.93 7.23 4.34
N ASP B 73 1.25 7.34 5.61
CA ASP B 73 1.39 8.65 6.27
C ASP B 73 2.64 8.69 7.15
N PRO B 74 3.79 9.03 6.57
CA PRO B 74 5.05 9.08 7.32
C PRO B 74 5.12 10.22 8.35
N ASN B 75 4.05 11.03 8.43
CA ASN B 75 3.97 12.20 9.30
C ASN B 75 3.32 11.95 10.66
N ASN B 76 2.86 10.72 10.93
CA ASN B 76 2.12 10.40 12.15
C ASN B 76 3.14 10.05 13.25
N ALA B 77 3.50 11.05 14.05
CA ALA B 77 4.48 10.92 15.12
C ALA B 77 4.08 9.85 16.11
N GLU B 78 2.80 9.76 16.46
CA GLU B 78 2.38 8.76 17.46
C GLU B 78 2.60 7.34 16.93
N ALA B 79 2.39 7.15 15.63
CA ALA B 79 2.62 5.84 15.04
C ALA B 79 4.12 5.49 15.08
N TRP B 80 5.01 6.43 14.79
CA TRP B 80 6.45 6.17 14.95
C TRP B 80 6.82 5.78 16.41
N TYR B 81 6.25 6.51 17.36
CA TYR B 81 6.42 6.26 18.79
C TYR B 81 5.91 4.90 19.11
N ASN B 82 4.69 4.58 18.69
CA ASN B 82 4.15 3.22 18.92
C ASN B 82 4.93 2.13 18.24
N LEU B 83 5.45 2.36 17.04
CA LEU B 83 6.29 1.38 16.39
C LEU B 83 7.56 1.17 17.24
N GLY B 84 8.17 2.24 17.71
CA GLY B 84 9.27 2.17 18.70
C GLY B 84 8.91 1.30 19.88
N ASN B 85 7.71 1.55 20.43
CA ASN B 85 7.28 0.73 21.56
C ASN B 85 7.15 -0.76 21.23
N ALA B 86 6.57 -1.08 20.07
CA ALA B 86 6.41 -2.45 19.65
C ALA B 86 7.76 -3.14 19.49
N TYR B 87 8.73 -2.46 18.90
CA TYR B 87 10.05 -3.07 18.84
C TYR B 87 10.66 -3.24 20.25
N TYR B 88 10.48 -2.25 21.11
CA TYR B 88 10.98 -2.29 22.51
C TYR B 88 10.43 -3.53 23.21
N LYS B 89 9.14 -3.79 23.02
CA LYS B 89 8.48 -4.95 23.61
C LYS B 89 9.06 -6.27 23.19
N GLN B 90 9.51 -6.32 21.94
CA GLN B 90 10.15 -7.48 21.38
C GLN B 90 11.64 -7.58 21.75
N GLY B 91 12.17 -6.58 22.44
CA GLY B 91 13.56 -6.56 22.84
C GLY B 91 14.49 -6.06 21.77
N ASP B 92 13.95 -5.56 20.65
CA ASP B 92 14.78 -5.04 19.56
C ASP B 92 15.11 -3.62 19.87
N TYR B 93 16.03 -3.40 20.79
CA TYR B 93 16.25 -2.03 21.30
C TYR B 93 16.88 -1.10 20.27
N ASP B 94 17.71 -1.65 19.37
CA ASP B 94 18.30 -0.85 18.26
C ASP B 94 17.22 -0.23 17.39
N GLU B 95 16.26 -1.05 16.94
CA GLU B 95 15.14 -0.53 16.14
C GLU B 95 14.31 0.46 16.94
N ALA B 96 14.02 0.13 18.19
CA ALA B 96 13.19 1.02 19.03
C ALA B 96 13.80 2.39 19.07
N ILE B 97 15.12 2.42 19.25
CA ILE B 97 15.85 3.65 19.31
C ILE B 97 15.70 4.44 18.01
N GLU B 98 15.83 3.77 16.86
CA GLU B 98 15.66 4.45 15.58
C GLU B 98 14.29 5.11 15.50
N TYR B 99 13.29 4.36 15.87
CA TYR B 99 11.91 4.85 15.71
C TYR B 99 11.53 5.89 16.76
N TYR B 100 12.04 5.74 17.98
CA TYR B 100 11.85 6.82 18.95
C TYR B 100 12.48 8.11 18.52
N GLN B 101 13.65 8.02 17.89
CA GLN B 101 14.37 9.23 17.45
C GLN B 101 13.55 9.90 16.33
N LYS B 102 12.92 9.08 15.47
CA LYS B 102 12.09 9.62 14.40
C LYS B 102 10.89 10.37 15.00
N ALA B 103 10.21 9.71 15.94
CA ALA B 103 9.06 10.30 16.62
C ALA B 103 9.40 11.66 17.17
N LEU B 104 10.57 11.74 17.81
CA LEU B 104 10.99 12.91 18.57
C LEU B 104 11.36 14.03 17.64
N GLU B 105 11.78 13.69 16.43
CA GLU B 105 12.00 14.69 15.41
C GLU B 105 10.68 15.38 15.06
N LEU B 106 9.60 14.61 14.98
CA LEU B 106 8.28 15.15 14.60
C LEU B 106 7.54 15.83 15.75
N ASP B 107 7.64 15.24 16.94
CA ASP B 107 7.00 15.74 18.16
C ASP B 107 8.02 15.71 19.31
N PRO B 108 8.71 16.82 19.53
CA PRO B 108 9.71 16.84 20.62
C PRO B 108 9.12 16.74 22.05
N ASN B 109 7.79 16.85 22.20
CA ASN B 109 7.15 16.94 23.51
C ASN B 109 6.76 15.59 24.11
N ASN B 110 7.07 14.52 23.38
CA ASN B 110 6.64 13.19 23.80
C ASN B 110 7.56 12.71 24.88
N ALA B 111 7.20 13.01 26.14
CA ALA B 111 8.09 12.68 27.26
C ALA B 111 8.30 11.16 27.39
N GLU B 112 7.27 10.42 27.04
CA GLU B 112 7.33 8.97 27.10
C GLU B 112 8.32 8.47 26.06
N ALA B 113 8.42 9.09 24.90
CA ALA B 113 9.40 8.69 23.88
C ALA B 113 10.82 8.95 24.37
N LYS B 114 11.07 10.12 24.98
CA LYS B 114 12.38 10.42 25.52
C LYS B 114 12.79 9.42 26.56
N GLN B 115 11.83 9.06 27.43
CA GLN B 115 12.10 8.14 28.54
C GLN B 115 12.34 6.76 27.99
N ASN B 116 11.53 6.31 27.05
CA ASN B 116 11.71 4.99 26.50
C ASN B 116 13.00 4.91 25.69
N LEU B 117 13.35 5.92 24.96
CA LEU B 117 14.62 6.01 24.25
C LEU B 117 15.79 5.86 25.20
N GLY B 118 15.74 6.56 26.31
CA GLY B 118 16.79 6.51 27.32
C GLY B 118 16.90 5.11 27.87
N ASN B 119 15.74 4.50 28.16
CA ASN B 119 15.78 3.20 28.73
C ASN B 119 16.29 2.21 27.78
N ALA B 120 15.88 2.30 26.51
CA ALA B 120 16.35 1.37 25.52
C ALA B 120 17.87 1.46 25.38
N LYS B 121 18.40 2.65 25.49
CA LYS B 121 19.84 2.82 25.50
C LYS B 121 20.49 2.14 26.66
N GLN B 122 19.85 2.16 27.82
CA GLN B 122 20.37 1.50 29.01
C GLN B 122 20.37 0.01 28.81
N LYS B 123 19.36 -0.51 28.14
CA LYS B 123 19.23 -1.98 27.96
C LYS B 123 20.16 -2.51 26.92
N GLN B 124 20.76 -1.64 26.13
CA GLN B 124 21.84 -2.12 25.24
C GLN B 124 23.16 -2.42 25.92
N GLY B 125 23.32 -2.00 27.17
CA GLY B 125 24.50 -2.32 27.91
C GLY B 125 25.71 -1.73 27.21
#